data_7NCY
#
_entry.id   7NCY
#
_cell.length_a   59.620
_cell.length_b   59.620
_cell.length_c   167.123
_cell.angle_alpha   90.000
_cell.angle_beta   90.000
_cell.angle_gamma   120.000
#
_symmetry.space_group_name_H-M   'P 31 2 1'
#
loop_
_entity.id
_entity.type
_entity.pdbx_description
1 polymer 'Dual specificity phosphatase'
2 non-polymer GLYCEROL
3 non-polymer 'NICKEL (II) ION'
4 water water
#
_entity_poly.entity_id   1
_entity_poly.type   'polypeptide(L)'
_entity_poly.pdbx_seq_one_letter_code
;(MSE)T(MSE)ITHHHHHHGSIVRRVDDIVWQSDYEYAIKHGNEYDYVISVAKECKHPRASLWIPQDDNVYIPADRYVTV
YNFIKQHDNGKSKFLIHCCAG(MSE)SRSVAYSIAYLVLRYGITVSEAKRR(MSE)GINY(MSE)LHPDIEKSLV(MSE)
;
_entity_poly.pdbx_strand_id   A,B
#
# COMPACT_ATOMS: atom_id res chain seq x y z
N THR A 2 9.26 -36.44 25.38
CA THR A 2 8.75 -35.35 26.27
C THR A 2 8.23 -34.21 25.40
N ILE A 4 7.65 -30.63 23.70
CA ILE A 4 8.54 -29.62 23.16
C ILE A 4 7.70 -28.37 22.92
N THR A 5 8.21 -27.18 23.26
CA THR A 5 7.63 -25.85 22.91
C THR A 5 8.66 -25.11 22.05
N HIS A 6 8.27 -24.65 20.85
CA HIS A 6 9.17 -23.88 19.95
C HIS A 6 8.33 -22.96 19.06
N HIS A 7 9.01 -22.04 18.37
CA HIS A 7 8.49 -21.30 17.19
C HIS A 7 9.43 -21.58 16.01
N HIS A 8 8.93 -21.58 14.78
CA HIS A 8 9.75 -21.68 13.55
C HIS A 8 10.11 -20.27 13.08
N SER A 13 9.26 -11.24 9.88
CA SER A 13 8.66 -11.29 8.52
C SER A 13 9.58 -10.59 7.52
N ILE A 14 9.89 -11.23 6.40
CA ILE A 14 10.84 -10.72 5.37
C ILE A 14 10.13 -9.68 4.48
N VAL A 15 10.65 -8.45 4.46
CA VAL A 15 10.28 -7.42 3.45
C VAL A 15 11.54 -6.61 3.14
N ARG A 16 11.79 -6.35 1.86
CA ARG A 16 12.97 -5.57 1.39
C ARG A 16 12.49 -4.54 0.38
N ARG A 17 13.02 -3.31 0.45
CA ARG A 17 12.76 -2.31 -0.61
C ARG A 17 13.62 -2.66 -1.83
N VAL A 18 13.01 -2.66 -3.03
CA VAL A 18 13.68 -2.95 -4.32
C VAL A 18 14.03 -1.63 -5.02
N ASP A 19 13.07 -0.70 -5.11
CA ASP A 19 13.33 0.66 -5.61
C ASP A 19 12.24 1.57 -5.05
N ASP A 20 12.04 2.75 -5.64
CA ASP A 20 11.10 3.76 -5.11
C ASP A 20 9.69 3.18 -5.02
N ILE A 21 9.38 2.22 -5.89
N ILE A 21 9.30 2.26 -5.90
CA ILE A 21 7.98 1.83 -6.24
CA ILE A 21 7.87 1.83 -6.00
C ILE A 21 7.74 0.35 -5.94
C ILE A 21 7.71 0.34 -5.72
N VAL A 22 8.80 -0.44 -5.72
CA VAL A 22 8.69 -1.92 -5.60
C VAL A 22 9.29 -2.38 -4.28
N TRP A 23 8.56 -3.26 -3.61
CA TRP A 23 9.00 -4.02 -2.42
C TRP A 23 8.94 -5.51 -2.77
N GLN A 24 9.71 -6.28 -2.01
CA GLN A 24 9.84 -7.76 -2.10
C GLN A 24 9.54 -8.32 -0.71
N SER A 25 8.77 -9.41 -0.60
CA SER A 25 8.46 -10.00 0.73
C SER A 25 8.20 -11.51 0.66
N ASP A 26 7.99 -12.09 1.85
CA ASP A 26 7.43 -13.45 2.02
C ASP A 26 5.91 -13.35 1.95
N TYR A 27 5.23 -14.49 2.00
CA TYR A 27 3.74 -14.62 1.90
C TYR A 27 3.11 -13.97 3.13
N GLU A 28 3.68 -14.20 4.32
CA GLU A 28 3.12 -13.66 5.58
C GLU A 28 2.96 -12.14 5.51
N TYR A 29 4.02 -11.45 5.11
CA TYR A 29 4.01 -9.97 4.94
C TYR A 29 2.92 -9.55 3.93
N ALA A 30 2.83 -10.24 2.80
CA ALA A 30 1.90 -9.94 1.69
C ALA A 30 0.45 -10.08 2.17
N ILE A 31 0.14 -11.13 2.94
CA ILE A 31 -1.22 -11.34 3.51
C ILE A 31 -1.56 -10.23 4.52
N LYS A 32 -0.63 -9.92 5.42
CA LYS A 32 -0.87 -8.95 6.52
C LYS A 32 -0.84 -7.51 6.00
N HIS A 33 -0.06 -7.22 4.95
CA HIS A 33 0.23 -5.81 4.55
C HIS A 33 -0.09 -5.55 3.07
N GLY A 34 -0.70 -6.51 2.37
CA GLY A 34 -0.99 -6.41 0.92
C GLY A 34 -1.81 -5.19 0.56
N ASN A 35 -2.74 -4.79 1.41
CA ASN A 35 -3.64 -3.64 1.14
C ASN A 35 -2.84 -2.33 1.08
N GLU A 36 -1.61 -2.31 1.57
CA GLU A 36 -0.77 -1.09 1.56
C GLU A 36 -0.17 -0.91 0.16
N TYR A 37 -0.42 -1.83 -0.76
CA TYR A 37 0.17 -1.86 -2.11
C TYR A 37 -0.95 -1.84 -3.15
N ASP A 38 -0.78 -1.07 -4.21
CA ASP A 38 -1.73 -1.01 -5.34
C ASP A 38 -1.74 -2.36 -6.03
N TYR A 39 -0.59 -3.04 -6.11
CA TYR A 39 -0.47 -4.30 -6.86
C TYR A 39 0.33 -5.32 -6.05
N VAL A 40 -0.22 -6.52 -5.93
CA VAL A 40 0.49 -7.69 -5.35
C VAL A 40 0.79 -8.66 -6.49
N ILE A 41 2.07 -8.99 -6.62
CA ILE A 41 2.60 -9.93 -7.63
C ILE A 41 3.05 -11.19 -6.90
N SER A 42 2.34 -12.30 -7.06
CA SER A 42 2.68 -13.62 -6.48
C SER A 42 3.53 -14.40 -7.49
N VAL A 43 4.80 -14.68 -7.16
CA VAL A 43 5.69 -15.49 -8.04
C VAL A 43 6.06 -16.80 -7.34
N ALA A 44 5.11 -17.40 -6.62
CA ALA A 44 5.22 -18.81 -6.15
C ALA A 44 3.94 -19.53 -6.55
N LYS A 45 4.07 -20.74 -7.10
CA LYS A 45 2.92 -21.60 -7.45
C LYS A 45 2.01 -21.80 -6.22
N GLU A 46 2.58 -22.03 -5.04
CA GLU A 46 1.81 -22.56 -3.89
C GLU A 46 1.39 -21.43 -2.95
N CYS A 47 1.87 -20.20 -3.17
CA CYS A 47 1.53 -19.00 -2.36
C CYS A 47 0.98 -17.91 -3.29
N LYS A 48 -0.30 -18.04 -3.66
CA LYS A 48 -0.98 -17.08 -4.55
C LYS A 48 -1.84 -16.17 -3.67
N HIS A 49 -1.49 -14.90 -3.56
CA HIS A 49 -2.26 -13.90 -2.79
C HIS A 49 -3.70 -13.91 -3.29
N PRO A 50 -4.69 -13.96 -2.38
CA PRO A 50 -6.10 -13.96 -2.78
C PRO A 50 -6.48 -12.77 -3.68
N ARG A 51 -5.78 -11.64 -3.59
CA ARG A 51 -6.06 -10.46 -4.46
C ARG A 51 -4.84 -10.17 -5.36
N ALA A 52 -3.98 -11.15 -5.63
CA ALA A 52 -2.87 -10.99 -6.59
C ALA A 52 -3.39 -10.33 -7.87
N SER A 53 -2.69 -9.31 -8.35
CA SER A 53 -2.97 -8.69 -9.66
C SER A 53 -2.32 -9.53 -10.76
N LEU A 54 -1.18 -10.14 -10.43
CA LEU A 54 -0.38 -10.97 -11.37
C LEU A 54 0.12 -12.18 -10.59
N TRP A 55 -0.13 -13.38 -11.12
CA TRP A 55 0.37 -14.64 -10.54
C TRP A 55 1.19 -15.40 -11.59
N ILE A 56 2.46 -15.66 -11.30
N ILE A 56 2.48 -15.61 -11.31
CA ILE A 56 3.30 -16.60 -12.08
CA ILE A 56 3.34 -16.59 -12.03
C ILE A 56 3.46 -17.88 -11.27
C ILE A 56 3.35 -17.87 -11.19
N PRO A 57 2.89 -19.01 -11.75
CA PRO A 57 2.91 -20.27 -11.00
C PRO A 57 4.32 -20.89 -11.04
N GLN A 58 5.26 -20.26 -10.34
CA GLN A 58 6.72 -20.54 -10.41
C GLN A 58 7.09 -21.61 -9.37
N ASP A 59 7.71 -22.72 -9.83
CA ASP A 59 8.39 -23.70 -8.94
C ASP A 59 9.72 -23.07 -8.50
N ASP A 60 10.15 -23.41 -7.28
CA ASP A 60 11.42 -22.95 -6.68
C ASP A 60 12.56 -23.82 -7.20
N ASN A 61 13.80 -23.36 -7.02
CA ASN A 61 15.04 -24.15 -7.23
C ASN A 61 15.09 -24.66 -8.67
N VAL A 62 14.59 -23.88 -9.63
CA VAL A 62 14.67 -24.23 -11.08
C VAL A 62 15.02 -22.96 -11.87
N TYR A 63 15.59 -23.16 -13.05
CA TYR A 63 15.89 -22.09 -14.03
C TYR A 63 14.59 -21.36 -14.36
N ILE A 64 14.59 -20.03 -14.21
CA ILE A 64 13.41 -19.18 -14.53
C ILE A 64 13.64 -18.59 -15.91
N PRO A 65 12.78 -18.91 -16.89
CA PRO A 65 12.91 -18.33 -18.23
C PRO A 65 12.71 -16.80 -18.23
N ALA A 66 13.50 -16.12 -19.06
CA ALA A 66 13.51 -14.64 -19.22
C ALA A 66 12.07 -14.12 -19.46
N ASP A 67 11.21 -14.88 -20.12
N ASP A 67 11.24 -14.90 -20.15
CA ASP A 67 9.85 -14.39 -20.49
CA ASP A 67 9.85 -14.52 -20.49
C ASP A 67 9.04 -14.17 -19.20
C ASP A 67 9.12 -14.14 -19.20
N ARG A 68 9.37 -14.91 -18.13
CA ARG A 68 8.70 -14.71 -16.81
C ARG A 68 9.26 -13.43 -16.19
N TYR A 69 10.57 -13.26 -16.18
CA TYR A 69 11.22 -12.03 -15.64
C TYR A 69 10.62 -10.82 -16.36
N VAL A 70 10.43 -10.93 -17.67
CA VAL A 70 10.02 -9.78 -18.53
C VAL A 70 8.54 -9.49 -18.28
N THR A 71 7.73 -10.52 -18.04
CA THR A 71 6.29 -10.37 -17.74
C THR A 71 6.14 -9.49 -16.50
N VAL A 72 6.91 -9.79 -15.44
CA VAL A 72 6.85 -9.05 -14.15
C VAL A 72 7.35 -7.61 -14.37
N TYR A 73 8.51 -7.43 -15.00
CA TYR A 73 9.08 -6.09 -15.32
C TYR A 73 8.06 -5.26 -16.13
N ASN A 74 7.47 -5.86 -17.16
CA ASN A 74 6.48 -5.20 -18.07
C ASN A 74 5.29 -4.76 -17.21
N PHE A 75 4.82 -5.64 -16.33
CA PHE A 75 3.65 -5.39 -15.46
C PHE A 75 3.90 -4.12 -14.64
N ILE A 76 5.09 -4.03 -14.02
CA ILE A 76 5.42 -2.89 -13.11
C ILE A 76 5.56 -1.61 -13.95
N LYS A 77 6.37 -1.67 -15.01
CA LYS A 77 6.67 -0.49 -15.86
C LYS A 77 5.37 0.07 -16.47
N GLN A 78 4.49 -0.78 -16.94
CA GLN A 78 3.29 -0.33 -17.69
C GLN A 78 2.24 0.19 -16.72
N HIS A 79 2.33 -0.12 -15.43
CA HIS A 79 1.35 0.41 -14.43
C HIS A 79 2.02 1.43 -13.51
N ASP A 80 3.25 1.85 -13.83
CA ASP A 80 4.00 2.86 -13.03
C ASP A 80 3.50 4.25 -13.42
N ASN A 81 2.47 4.74 -12.72
CA ASN A 81 1.82 6.04 -12.99
C ASN A 81 2.37 7.09 -12.02
N GLY A 82 3.52 6.81 -11.38
CA GLY A 82 4.14 7.69 -10.38
C GLY A 82 3.38 7.74 -9.07
N LYS A 83 2.31 6.95 -8.91
CA LYS A 83 1.43 7.00 -7.72
C LYS A 83 1.22 5.59 -7.15
N SER A 84 1.85 4.57 -7.72
CA SER A 84 1.50 3.15 -7.45
C SER A 84 2.68 2.46 -6.75
N LYS A 85 2.35 1.56 -5.82
CA LYS A 85 3.35 0.72 -5.10
C LYS A 85 3.08 -0.75 -5.45
N PHE A 86 4.16 -1.51 -5.60
CA PHE A 86 4.15 -2.92 -6.06
C PHE A 86 4.82 -3.79 -5.01
N LEU A 87 4.24 -4.95 -4.74
CA LEU A 87 4.81 -5.97 -3.82
C LEU A 87 4.99 -7.29 -4.58
N ILE A 88 6.24 -7.73 -4.72
CA ILE A 88 6.58 -9.08 -5.26
C ILE A 88 6.83 -10.03 -4.09
N HIS A 89 6.14 -11.17 -4.02
CA HIS A 89 6.29 -12.12 -2.91
C HIS A 89 6.31 -13.57 -3.42
N CYS A 90 6.98 -14.44 -2.67
CA CYS A 90 6.92 -15.90 -2.87
C CYS A 90 6.39 -16.49 -1.56
N CYS A 91 6.97 -17.60 -1.08
CA CYS A 91 6.51 -18.24 0.18
C CYS A 91 7.39 -17.75 1.33
N ALA A 92 8.68 -18.08 1.32
CA ALA A 92 9.61 -17.74 2.44
C ALA A 92 10.29 -16.39 2.17
N GLY A 93 10.24 -15.87 0.95
CA GLY A 93 10.76 -14.53 0.63
C GLY A 93 12.28 -14.47 0.58
N SER A 95 14.03 -16.72 -2.09
CA SER A 95 14.48 -17.27 -3.36
C SER A 95 13.71 -16.66 -4.55
N ARG A 96 12.50 -17.12 -4.84
CA ARG A 96 11.75 -16.77 -6.08
C ARG A 96 11.51 -15.25 -6.15
N SER A 97 10.96 -14.61 -5.10
CA SER A 97 10.59 -13.17 -5.16
C SER A 97 11.87 -12.32 -5.22
N VAL A 98 12.98 -12.81 -4.65
CA VAL A 98 14.28 -12.09 -4.67
C VAL A 98 14.81 -12.11 -6.12
N ALA A 99 14.73 -13.26 -6.79
CA ALA A 99 15.17 -13.44 -8.19
C ALA A 99 14.37 -12.50 -9.12
N TYR A 100 13.04 -12.54 -9.06
CA TYR A 100 12.20 -11.64 -9.90
C TYR A 100 12.54 -10.19 -9.61
N SER A 101 12.85 -9.86 -8.36
CA SER A 101 13.15 -8.48 -7.92
C SER A 101 14.50 -8.06 -8.51
N ILE A 102 15.48 -8.94 -8.45
CA ILE A 102 16.84 -8.69 -9.02
C ILE A 102 16.68 -8.45 -10.53
N ALA A 103 15.96 -9.34 -11.22
CA ALA A 103 15.72 -9.27 -12.66
C ALA A 103 15.02 -7.96 -13.02
N TYR A 104 14.07 -7.48 -12.21
CA TYR A 104 13.39 -6.18 -12.47
C TYR A 104 14.43 -5.06 -12.42
N LEU A 105 15.32 -5.05 -11.42
CA LEU A 105 16.32 -3.96 -11.25
C LEU A 105 17.27 -3.98 -12.45
N VAL A 106 17.75 -5.16 -12.83
CA VAL A 106 18.66 -5.35 -13.99
C VAL A 106 17.97 -4.80 -15.24
N LEU A 107 16.77 -5.28 -15.54
CA LEU A 107 16.03 -4.91 -16.78
C LEU A 107 15.73 -3.41 -16.79
N ARG A 108 15.39 -2.80 -15.65
CA ARG A 108 14.86 -1.43 -15.65
C ARG A 108 15.98 -0.38 -15.53
N TYR A 109 17.07 -0.65 -14.81
CA TYR A 109 18.09 0.38 -14.47
C TYR A 109 19.43 0.04 -15.13
N GLY A 110 19.48 -1.05 -15.89
CA GLY A 110 20.71 -1.55 -16.52
C GLY A 110 21.85 -1.57 -15.52
N ILE A 111 21.66 -2.22 -14.38
CA ILE A 111 22.73 -2.51 -13.38
C ILE A 111 23.07 -3.99 -13.43
N THR A 112 24.18 -4.41 -12.80
CA THR A 112 24.61 -5.83 -12.74
C THR A 112 23.79 -6.55 -11.67
N VAL A 113 23.85 -7.88 -11.68
CA VAL A 113 23.20 -8.73 -10.63
C VAL A 113 23.79 -8.34 -9.28
N SER A 114 25.12 -8.17 -9.19
CA SER A 114 25.84 -7.79 -7.95
C SER A 114 25.27 -6.50 -7.40
N GLU A 115 25.13 -5.49 -8.26
CA GLU A 115 24.64 -4.13 -7.87
C GLU A 115 23.19 -4.23 -7.39
N ALA A 116 22.36 -5.03 -8.06
CA ALA A 116 20.94 -5.26 -7.68
C ALA A 116 20.90 -5.81 -6.25
N LYS A 117 21.67 -6.88 -6.00
CA LYS A 117 21.80 -7.54 -4.67
C LYS A 117 22.25 -6.52 -3.63
N ARG A 118 23.30 -5.75 -3.94
CA ARG A 118 23.85 -4.74 -3.01
C ARG A 118 22.71 -3.79 -2.60
N ARG A 119 21.93 -3.31 -3.57
CA ARG A 119 20.83 -2.35 -3.30
C ARG A 119 19.79 -2.99 -2.40
N GLY A 121 20.35 -5.55 -0.43
CA GLY A 121 20.98 -6.17 0.72
C GLY A 121 20.84 -7.68 0.70
N ILE A 122 20.99 -8.27 -0.49
CA ILE A 122 21.08 -9.76 -0.65
C ILE A 122 22.57 -10.12 -0.61
N ASN A 123 23.01 -10.79 0.45
CA ASN A 123 24.44 -11.12 0.67
C ASN A 123 24.65 -12.64 0.57
N TYR A 124 23.79 -13.35 -0.18
CA TYR A 124 23.86 -14.82 -0.37
C TYR A 124 23.64 -15.19 -1.83
N LEU A 126 21.62 -17.61 -4.52
CA LEU A 126 20.40 -18.37 -4.71
C LEU A 126 20.79 -19.71 -5.33
N HIS A 127 19.84 -20.61 -5.55
CA HIS A 127 20.06 -21.90 -6.25
C HIS A 127 20.88 -21.65 -7.51
N PRO A 128 21.96 -22.43 -7.75
CA PRO A 128 22.78 -22.27 -8.95
C PRO A 128 21.94 -21.95 -10.19
N ASP A 129 20.84 -22.68 -10.42
CA ASP A 129 20.02 -22.61 -11.64
C ASP A 129 19.22 -21.30 -11.69
N ILE A 130 18.95 -20.69 -10.53
CA ILE A 130 18.27 -19.36 -10.47
C ILE A 130 19.31 -18.29 -10.79
N GLU A 131 20.49 -18.34 -10.15
CA GLU A 131 21.62 -17.43 -10.41
C GLU A 131 21.94 -17.45 -11.92
N LYS A 132 21.86 -18.63 -12.55
CA LYS A 132 22.14 -18.78 -14.00
C LYS A 132 21.08 -18.03 -14.80
N SER A 133 19.81 -18.14 -14.37
CA SER A 133 18.64 -17.54 -15.06
C SER A 133 18.75 -16.02 -15.07
N LEU A 134 19.48 -15.45 -14.10
CA LEU A 134 19.59 -13.99 -13.87
C LEU A 134 20.64 -13.38 -14.80
N VAL A 135 21.45 -14.21 -15.46
CA VAL A 135 22.39 -13.78 -16.53
C VAL A 135 21.66 -13.86 -17.86
N THR B 5 0.31 -13.96 -20.60
CA THR B 5 -0.38 -14.19 -19.31
C THR B 5 -1.08 -12.89 -18.88
N HIS B 6 -2.36 -12.96 -18.50
CA HIS B 6 -3.25 -11.81 -18.18
C HIS B 6 -2.95 -11.27 -16.77
N HIS B 7 -3.50 -10.09 -16.45
CA HIS B 7 -3.45 -9.53 -15.07
C HIS B 7 -4.80 -8.88 -14.74
N HIS B 8 -4.99 -8.57 -13.46
CA HIS B 8 -6.26 -8.06 -12.88
C HIS B 8 -6.06 -6.63 -12.37
N HIS B 9 -7.07 -5.81 -12.59
CA HIS B 9 -7.25 -4.49 -11.92
C HIS B 9 -8.44 -4.66 -10.98
N HIS B 10 -8.17 -4.99 -9.71
CA HIS B 10 -9.19 -5.26 -8.66
C HIS B 10 -9.94 -3.96 -8.35
N HIS B 11 -11.19 -4.05 -7.91
CA HIS B 11 -11.98 -2.88 -7.45
C HIS B 11 -11.38 -2.42 -6.11
N GLY B 12 -11.47 -1.12 -5.83
CA GLY B 12 -11.26 -0.56 -4.47
C GLY B 12 -12.54 -0.64 -3.67
N SER B 13 -13.00 0.49 -3.13
CA SER B 13 -14.20 0.62 -2.25
C SER B 13 -13.87 0.00 -0.89
N ILE B 14 -13.07 0.72 -0.11
CA ILE B 14 -12.60 0.39 1.26
C ILE B 14 -13.10 1.50 2.20
N VAL B 15 -13.64 1.13 3.36
CA VAL B 15 -14.28 2.07 4.31
C VAL B 15 -13.99 1.59 5.74
N ARG B 16 -13.56 2.51 6.60
CA ARG B 16 -13.31 2.30 8.05
C ARG B 16 -14.15 3.29 8.84
N ARG B 17 -14.74 2.84 9.95
CA ARG B 17 -15.44 3.75 10.90
C ARG B 17 -14.38 4.45 11.76
N VAL B 18 -14.50 5.76 11.91
CA VAL B 18 -13.52 6.58 12.68
C VAL B 18 -14.10 6.83 14.08
N ASP B 19 -15.33 7.31 14.17
CA ASP B 19 -16.05 7.47 15.45
C ASP B 19 -17.53 7.35 15.13
N ASP B 20 -18.42 7.81 15.99
CA ASP B 20 -19.88 7.60 15.80
C ASP B 20 -20.36 8.29 14.52
N ILE B 21 -19.66 9.35 14.10
N ILE B 21 -19.72 9.38 14.08
CA ILE B 21 -20.20 10.35 13.12
CA ILE B 21 -20.30 10.22 12.99
C ILE B 21 -19.31 10.39 11.86
C ILE B 21 -19.35 10.32 11.79
N VAL B 22 -18.13 9.79 11.92
CA VAL B 22 -17.07 9.94 10.88
C VAL B 22 -16.65 8.57 10.38
N TRP B 23 -16.57 8.48 9.05
CA TRP B 23 -16.04 7.33 8.28
C TRP B 23 -14.90 7.83 7.40
N GLN B 24 -13.98 6.92 7.08
CA GLN B 24 -12.78 7.20 6.26
C GLN B 24 -12.81 6.23 5.08
N SER B 25 -12.41 6.62 3.88
CA SER B 25 -12.54 5.72 2.70
C SER B 25 -11.55 6.07 1.59
N ASP B 26 -11.53 5.24 0.54
CA ASP B 26 -10.84 5.53 -0.74
C ASP B 26 -11.79 6.35 -1.62
N TYR B 27 -11.30 6.83 -2.76
CA TYR B 27 -12.10 7.70 -3.66
C TYR B 27 -13.30 6.91 -4.20
N GLU B 28 -13.06 5.66 -4.56
CA GLU B 28 -14.07 4.77 -5.18
C GLU B 28 -15.30 4.70 -4.27
N TYR B 29 -15.08 4.40 -2.99
CA TYR B 29 -16.17 4.33 -1.99
C TYR B 29 -16.90 5.68 -1.93
N ALA B 30 -16.14 6.78 -1.89
CA ALA B 30 -16.69 8.15 -1.73
C ALA B 30 -17.59 8.46 -2.90
N ILE B 31 -17.17 8.09 -4.12
CA ILE B 31 -17.95 8.30 -5.37
C ILE B 31 -19.25 7.50 -5.31
N LYS B 32 -19.18 6.22 -4.98
CA LYS B 32 -20.34 5.28 -5.08
C LYS B 32 -21.29 5.46 -3.89
N HIS B 33 -20.83 5.93 -2.72
CA HIS B 33 -21.65 6.01 -1.48
C HIS B 33 -21.71 7.43 -0.90
N GLY B 34 -21.16 8.42 -1.59
CA GLY B 34 -21.10 9.83 -1.13
C GLY B 34 -22.45 10.35 -0.67
N ASN B 35 -23.55 9.88 -1.26
CA ASN B 35 -24.90 10.45 -1.04
C ASN B 35 -25.47 9.98 0.30
N GLU B 36 -24.82 8.99 0.90
CA GLU B 36 -25.17 8.49 2.24
C GLU B 36 -24.54 9.39 3.32
N TYR B 37 -23.81 10.45 2.96
CA TYR B 37 -23.08 11.32 3.92
C TYR B 37 -23.50 12.78 3.74
N ASP B 38 -23.58 13.51 4.85
CA ASP B 38 -23.96 14.95 4.83
C ASP B 38 -22.77 15.75 4.33
N TYR B 39 -21.57 15.34 4.69
CA TYR B 39 -20.33 16.11 4.38
C TYR B 39 -19.24 15.14 3.92
N VAL B 40 -18.80 15.35 2.69
CA VAL B 40 -17.61 14.66 2.10
C VAL B 40 -16.41 15.60 2.21
N ILE B 41 -15.35 15.10 2.82
CA ILE B 41 -14.09 15.84 3.01
C ILE B 41 -13.02 15.15 2.16
N SER B 42 -12.51 15.83 1.14
CA SER B 42 -11.46 15.31 0.22
C SER B 42 -10.09 15.83 0.68
N VAL B 43 -9.20 14.94 1.11
CA VAL B 43 -7.84 15.30 1.57
C VAL B 43 -6.79 14.67 0.65
N ALA B 44 -7.08 14.62 -0.66
CA ALA B 44 -6.08 14.40 -1.74
C ALA B 44 -6.20 15.50 -2.78
N LYS B 45 -5.08 16.11 -3.15
CA LYS B 45 -5.01 17.07 -4.27
C LYS B 45 -5.73 16.50 -5.51
N GLU B 46 -5.47 15.23 -5.87
CA GLU B 46 -5.85 14.68 -7.21
C GLU B 46 -7.18 13.93 -7.16
N CYS B 47 -7.79 13.76 -5.98
CA CYS B 47 -9.11 13.08 -5.81
C CYS B 47 -10.09 14.01 -5.06
N LYS B 48 -10.65 14.99 -5.75
CA LYS B 48 -11.60 15.99 -5.19
C LYS B 48 -13.01 15.54 -5.53
N HIS B 49 -13.77 15.07 -4.55
CA HIS B 49 -15.18 14.62 -4.72
C HIS B 49 -15.97 15.77 -5.32
N PRO B 50 -16.81 15.48 -6.34
CA PRO B 50 -17.54 16.52 -7.05
C PRO B 50 -18.49 17.28 -6.12
N ARG B 51 -18.86 16.69 -4.98
CA ARG B 51 -19.72 17.39 -3.98
C ARG B 51 -18.97 17.55 -2.65
N ALA B 52 -17.63 17.61 -2.69
CA ALA B 52 -16.80 17.81 -1.49
C ALA B 52 -17.26 19.10 -0.77
N SER B 53 -17.52 19.01 0.52
CA SER B 53 -17.87 20.17 1.36
C SER B 53 -16.59 20.89 1.80
N LEU B 54 -15.48 20.15 1.83
CA LEU B 54 -14.15 20.66 2.18
C LEU B 54 -13.13 19.92 1.33
N TRP B 55 -12.21 20.64 0.70
CA TRP B 55 -11.10 20.03 -0.07
C TRP B 55 -9.78 20.61 0.40
N ILE B 56 -8.87 19.76 0.84
CA ILE B 56 -7.47 20.14 1.16
C ILE B 56 -6.59 19.62 0.03
N PRO B 57 -5.93 20.49 -0.75
CA PRO B 57 -5.08 20.02 -1.85
C PRO B 57 -3.81 19.36 -1.32
N GLN B 58 -3.95 18.21 -0.67
CA GLN B 58 -2.85 17.53 0.05
C GLN B 58 -2.07 16.61 -0.90
N ASP B 59 -0.75 16.81 -1.04
CA ASP B 59 0.18 15.83 -1.65
C ASP B 59 0.43 14.69 -0.67
N ASP B 60 0.70 13.49 -1.19
CA ASP B 60 0.98 12.28 -0.35
C ASP B 60 2.46 12.29 0.02
N ASN B 61 2.84 11.50 1.03
CA ASN B 61 4.24 11.22 1.44
C ASN B 61 5.00 12.49 1.85
N VAL B 62 4.30 13.46 2.44
CA VAL B 62 4.94 14.72 2.93
C VAL B 62 4.42 14.99 4.35
N TYR B 63 5.17 15.77 5.13
CA TYR B 63 4.75 16.32 6.45
C TYR B 63 3.47 17.12 6.26
N ILE B 64 2.45 16.85 7.06
CA ILE B 64 1.17 17.61 7.00
C ILE B 64 1.19 18.65 8.12
N PRO B 65 1.15 19.95 7.79
CA PRO B 65 1.16 21.00 8.80
C PRO B 65 -0.05 20.84 9.73
N ALA B 66 0.16 21.07 11.03
CA ALA B 66 -0.89 20.99 12.07
C ALA B 66 -2.11 21.78 11.61
N ASP B 67 -1.89 22.90 10.93
CA ASP B 67 -2.96 23.83 10.47
C ASP B 67 -4.00 23.03 9.68
N ARG B 68 -3.56 22.05 8.89
CA ARG B 68 -4.47 21.26 8.02
C ARG B 68 -5.28 20.27 8.87
N TYR B 69 -4.63 19.55 9.77
CA TYR B 69 -5.28 18.57 10.67
C TYR B 69 -6.39 19.28 11.47
N VAL B 70 -6.09 20.50 11.94
CA VAL B 70 -6.99 21.32 12.80
C VAL B 70 -8.16 21.81 11.93
N THR B 71 -7.90 22.21 10.69
CA THR B 71 -8.96 22.64 9.75
C THR B 71 -10.01 21.53 9.65
N VAL B 72 -9.57 20.30 9.46
CA VAL B 72 -10.49 19.15 9.27
C VAL B 72 -11.22 18.85 10.58
N TYR B 73 -10.48 18.79 11.69
CA TYR B 73 -11.07 18.52 13.02
C TYR B 73 -12.14 19.59 13.30
N ASN B 74 -11.81 20.86 13.06
CA ASN B 74 -12.70 22.00 13.36
C ASN B 74 -13.95 21.91 12.49
N PHE B 75 -13.76 21.55 11.23
CA PHE B 75 -14.86 21.45 10.24
C PHE B 75 -15.91 20.46 10.73
N ILE B 76 -15.45 19.29 11.16
CA ILE B 76 -16.31 18.19 11.66
C ILE B 76 -16.98 18.64 12.97
N LYS B 77 -16.21 19.14 13.95
CA LYS B 77 -16.79 19.59 15.23
C LYS B 77 -17.89 20.64 14.95
N GLN B 78 -17.63 21.61 14.08
CA GLN B 78 -18.54 22.75 13.81
C GLN B 78 -19.84 22.28 13.16
N HIS B 79 -19.78 21.24 12.32
CA HIS B 79 -20.95 20.74 11.53
C HIS B 79 -21.59 19.53 12.23
N ASP B 80 -21.07 19.12 13.40
CA ASP B 80 -21.56 17.96 14.18
C ASP B 80 -22.79 18.40 14.99
N ASN B 81 -23.97 18.35 14.37
CA ASN B 81 -25.23 18.82 14.99
C ASN B 81 -26.02 17.61 15.49
N GLY B 82 -25.37 16.45 15.63
CA GLY B 82 -25.97 15.19 16.09
C GLY B 82 -26.78 14.49 15.00
N LYS B 83 -26.90 15.07 13.81
CA LYS B 83 -27.75 14.52 12.73
C LYS B 83 -26.95 14.40 11.43
N SER B 84 -25.62 14.49 11.49
CA SER B 84 -24.75 14.62 10.29
C SER B 84 -23.74 13.47 10.28
N LYS B 85 -23.50 12.91 9.10
CA LYS B 85 -22.46 11.88 8.86
C LYS B 85 -21.37 12.50 8.00
N PHE B 86 -20.12 12.14 8.29
CA PHE B 86 -18.91 12.72 7.65
C PHE B 86 -18.10 11.60 7.00
N LEU B 87 -17.62 11.85 5.79
CA LEU B 87 -16.69 10.90 5.13
C LEU B 87 -15.40 11.63 4.74
N ILE B 88 -14.27 11.16 5.26
CA ILE B 88 -12.91 11.67 4.91
C ILE B 88 -12.30 10.67 3.92
N HIS B 89 -11.93 11.11 2.72
CA HIS B 89 -11.33 10.20 1.72
C HIS B 89 -10.10 10.85 1.08
N CYS B 90 -9.18 10.00 0.64
CA CYS B 90 -8.09 10.37 -0.28
C CYS B 90 -8.30 9.58 -1.59
N CYS B 91 -7.24 9.04 -2.19
CA CYS B 91 -7.34 8.28 -3.46
C CYS B 91 -7.47 6.78 -3.14
N ALA B 92 -6.44 6.15 -2.57
CA ALA B 92 -6.40 4.69 -2.27
C ALA B 92 -6.89 4.39 -0.85
N GLY B 93 -7.01 5.40 0.02
CA GLY B 93 -7.64 5.25 1.34
C GLY B 93 -6.72 4.62 2.38
N SER B 95 -3.35 6.25 3.23
CA SER B 95 -2.34 7.19 3.71
C SER B 95 -2.99 8.52 4.15
N ARG B 96 -3.21 9.46 3.24
CA ARG B 96 -3.65 10.84 3.59
C ARG B 96 -4.91 10.84 4.46
N SER B 97 -5.99 10.16 4.06
CA SER B 97 -7.29 10.18 4.79
C SER B 97 -7.15 9.44 6.13
N VAL B 98 -6.27 8.45 6.22
CA VAL B 98 -5.97 7.73 7.49
C VAL B 98 -5.30 8.72 8.45
N ALA B 99 -4.28 9.43 7.99
CA ALA B 99 -3.54 10.45 8.76
C ALA B 99 -4.52 11.52 9.29
N TYR B 100 -5.41 12.06 8.47
CA TYR B 100 -6.37 13.11 8.89
C TYR B 100 -7.38 12.52 9.89
N SER B 101 -7.75 11.25 9.72
CA SER B 101 -8.72 10.56 10.60
C SER B 101 -8.09 10.37 11.97
N ILE B 102 -6.83 9.92 12.00
CA ILE B 102 -6.05 9.68 13.25
C ILE B 102 -5.95 11.03 13.99
N ALA B 103 -5.51 12.08 13.31
CA ALA B 103 -5.37 13.44 13.86
C ALA B 103 -6.71 13.93 14.43
N TYR B 104 -7.83 13.69 13.74
CA TYR B 104 -9.18 14.05 14.24
C TYR B 104 -9.44 13.36 15.58
N LEU B 105 -9.13 12.07 15.67
CA LEU B 105 -9.41 11.27 16.89
C LEU B 105 -8.54 11.79 18.05
N VAL B 106 -7.26 12.01 17.79
CA VAL B 106 -6.26 12.55 18.77
C VAL B 106 -6.79 13.90 19.28
N LEU B 107 -7.11 14.81 18.36
CA LEU B 107 -7.52 16.20 18.71
C LEU B 107 -8.84 16.20 19.46
N ARG B 108 -9.81 15.36 19.07
CA ARG B 108 -11.17 15.45 19.62
C ARG B 108 -11.29 14.63 20.90
N TYR B 109 -10.56 13.53 21.05
CA TYR B 109 -10.84 12.53 22.12
C TYR B 109 -9.65 12.44 23.07
N GLY B 110 -8.60 13.21 22.85
CA GLY B 110 -7.36 13.14 23.64
C GLY B 110 -6.90 11.70 23.85
N ILE B 111 -6.85 10.90 22.79
CA ILE B 111 -6.18 9.57 22.80
C ILE B 111 -4.86 9.69 22.05
N THR B 112 -4.00 8.66 22.14
CA THR B 112 -2.68 8.62 21.47
C THR B 112 -2.88 8.20 20.02
N VAL B 113 -1.88 8.47 19.17
CA VAL B 113 -1.80 7.99 17.76
C VAL B 113 -1.98 6.46 17.77
N SER B 114 -1.24 5.75 18.65
CA SER B 114 -1.27 4.27 18.71
C SER B 114 -2.68 3.81 19.05
N GLU B 115 -3.38 4.50 19.94
CA GLU B 115 -4.76 4.11 20.33
C GLU B 115 -5.72 4.45 19.17
N ALA B 116 -5.46 5.52 18.42
CA ALA B 116 -6.33 5.92 17.29
C ALA B 116 -6.19 4.87 16.17
N LYS B 117 -4.95 4.45 15.90
CA LYS B 117 -4.63 3.35 14.95
C LYS B 117 -5.38 2.08 15.37
N ARG B 118 -5.35 1.76 16.67
CA ARG B 118 -6.00 0.52 17.20
C ARG B 118 -7.48 0.57 16.88
N ARG B 119 -8.14 1.70 17.15
CA ARG B 119 -9.61 1.82 16.98
C ARG B 119 -9.97 1.61 15.51
N GLY B 121 -7.96 0.12 13.24
CA GLY B 121 -7.43 -1.14 12.73
C GLY B 121 -6.31 -0.89 11.75
N ILE B 122 -5.51 0.13 11.99
CA ILE B 122 -4.33 0.52 11.17
C ILE B 122 -3.11 -0.25 11.72
N ASN B 123 -2.67 -1.30 11.02
CA ASN B 123 -1.62 -2.23 11.52
C ASN B 123 -0.29 -1.89 10.85
N TYR B 124 -0.08 -0.65 10.44
CA TYR B 124 1.09 -0.28 9.62
C TYR B 124 1.52 1.15 9.91
N LEU B 126 2.62 4.76 8.48
CA LEU B 126 2.48 5.65 7.35
C LEU B 126 3.87 6.12 6.94
N HIS B 127 3.99 6.91 5.86
CA HIS B 127 5.27 7.56 5.46
C HIS B 127 5.89 8.22 6.68
N PRO B 128 7.22 8.08 6.88
CA PRO B 128 7.90 8.67 8.03
C PRO B 128 7.55 10.14 8.31
N ASP B 129 7.44 10.95 7.26
CA ASP B 129 7.15 12.41 7.39
C ASP B 129 5.70 12.62 7.84
N ILE B 130 4.80 11.70 7.48
CA ILE B 130 3.37 11.74 7.93
C ILE B 130 3.33 11.35 9.41
N GLU B 131 4.10 10.33 9.79
CA GLU B 131 4.20 9.87 11.20
C GLU B 131 4.73 11.03 12.05
N LYS B 132 5.74 11.75 11.58
CA LYS B 132 6.29 12.94 12.27
C LYS B 132 5.17 13.99 12.45
N SER B 133 4.40 14.24 11.40
CA SER B 133 3.31 15.26 11.38
C SER B 133 2.25 14.93 12.43
N LEU B 134 2.04 13.65 12.75
CA LEU B 134 0.95 13.21 13.66
C LEU B 134 1.33 13.42 15.13
N VAL B 135 2.60 13.66 15.43
CA VAL B 135 3.05 13.88 16.83
C VAL B 135 2.97 15.38 17.10
#